data_4V23
#
_entry.id   4V23
#
_cell.length_a   52.294
_cell.length_b   79.156
_cell.length_c   65.945
_cell.angle_alpha   90.00
_cell.angle_beta   96.24
_cell.angle_gamma   90.00
#
_symmetry.space_group_name_H-M   'C 1 2 1'
#
loop_
_entity.id
_entity.type
_entity.pdbx_description
1 polymer 'MATRIX PROTEIN'
2 non-polymer 'POTASSIUM ION'
3 water water
#
_entity_poly.entity_id   1
_entity_poly.type   'polypeptide(L)'
_entity_poly.pdbx_seq_one_letter_code
;METYVNKLHEGSTYTAAVQYNVLEKDDDPASLTIWVPMFQSSMPADLLIKELANVNILVKQISTPKGPSLRVMINSRSAV
LAQMPSKFTICANVSLDERSKLAYDVTTPCEIKACSLTCLKSKNMLTTVKDLTMKTLNPTHDIIALCEFENIVTSKKVII
PTYLRSISVRNKDLNTLENITTTEFKNAITNAKIIPYSGLLLVITVTDNKGAFKYIKPQSQFIVDLGAYLEKESIYYVTT
NWKHTATRFAIKPMED
;
_entity_poly.pdbx_strand_id   A
#
loop_
_chem_comp.id
_chem_comp.type
_chem_comp.name
_chem_comp.formula
K non-polymer 'POTASSIUM ION' 'K 1'
#
# COMPACT_ATOMS: atom_id res chain seq x y z
N MET A 1 -16.00 15.35 -3.71
CA MET A 1 -14.96 14.31 -3.68
C MET A 1 -14.98 13.51 -2.37
N GLU A 2 -14.86 12.20 -2.48
N GLU A 2 -14.88 12.19 -2.49
CA GLU A 2 -14.78 11.34 -1.31
CA GLU A 2 -14.76 11.31 -1.33
C GLU A 2 -13.38 11.39 -0.72
C GLU A 2 -13.37 11.49 -0.73
N THR A 3 -13.27 11.55 0.60
CA THR A 3 -11.95 11.52 1.23
C THR A 3 -11.89 10.47 2.31
N TYR A 4 -10.68 10.02 2.61
N TYR A 4 -10.68 10.03 2.58
CA TYR A 4 -10.42 8.93 3.55
CA TYR A 4 -10.45 9.03 3.62
C TYR A 4 -9.19 9.31 4.36
C TYR A 4 -9.19 9.37 4.37
N VAL A 5 -9.29 9.27 5.69
CA VAL A 5 -8.13 9.50 6.56
C VAL A 5 -7.99 8.32 7.53
N ASN A 6 -6.83 7.66 7.53
N ASN A 6 -6.80 7.71 7.51
CA ASN A 6 -6.63 6.58 8.49
CA ASN A 6 -6.46 6.56 8.35
C ASN A 6 -5.38 6.86 9.28
C ASN A 6 -5.30 6.92 9.27
N LYS A 7 -5.56 7.18 10.55
CA LYS A 7 -4.48 7.56 11.46
C LYS A 7 -3.87 6.34 12.14
N LEU A 8 -3.11 5.56 11.38
CA LEU A 8 -2.56 4.34 11.96
C LEU A 8 -1.54 4.73 12.98
N HIS A 9 -0.74 5.73 12.66
CA HIS A 9 0.16 6.36 13.62
C HIS A 9 -0.40 7.70 14.01
N GLU A 10 -0.41 7.95 15.31
CA GLU A 10 -1.03 9.14 15.87
C GLU A 10 0.00 9.96 16.62
N GLY A 11 1.19 10.11 16.03
CA GLY A 11 2.17 11.10 16.45
C GLY A 11 2.03 12.35 15.56
N SER A 12 2.63 13.47 15.97
CA SER A 12 2.48 14.74 15.24
C SER A 12 3.22 14.78 13.92
N THR A 13 4.45 14.26 13.91
CA THR A 13 5.20 14.08 12.65
C THR A 13 4.97 12.65 12.19
N TYR A 14 4.58 12.48 10.94
CA TYR A 14 4.22 11.17 10.44
C TYR A 14 4.56 11.04 8.97
N THR A 15 4.50 9.83 8.47
CA THR A 15 4.70 9.60 7.04
C THR A 15 3.34 9.60 6.38
N ALA A 16 3.18 10.49 5.41
CA ALA A 16 1.91 10.54 4.66
C ALA A 16 1.96 9.57 3.49
N ALA A 17 0.96 8.68 3.48
CA ALA A 17 0.78 7.74 2.40
C ALA A 17 -0.53 8.05 1.70
N VAL A 18 -0.41 8.67 0.53
CA VAL A 18 -1.52 9.29 -0.16
C VAL A 18 -1.83 8.55 -1.45
N GLN A 19 -3.11 8.26 -1.67
CA GLN A 19 -3.57 7.63 -2.91
C GLN A 19 -4.78 8.33 -3.47
N TYR A 20 -4.73 8.64 -4.77
CA TYR A 20 -5.84 9.30 -5.46
C TYR A 20 -6.49 8.37 -6.43
N ASN A 21 -7.82 8.33 -6.50
CA ASN A 21 -8.51 7.65 -7.61
C ASN A 21 -8.98 8.72 -8.55
N VAL A 22 -8.62 8.60 -9.83
CA VAL A 22 -8.93 9.66 -10.78
C VAL A 22 -9.53 9.13 -12.06
N LEU A 23 -10.01 10.08 -12.85
CA LEU A 23 -10.70 9.78 -14.08
C LEU A 23 -10.22 10.78 -15.11
N GLU A 24 -9.73 10.28 -16.24
CA GLU A 24 -9.38 11.16 -17.35
C GLU A 24 -10.52 12.13 -17.69
N LYS A 25 -10.20 13.40 -17.91
CA LYS A 25 -11.22 14.37 -18.31
C LYS A 25 -11.46 14.22 -19.80
N ASP A 26 -12.28 13.27 -20.17
CA ASP A 26 -12.59 13.06 -21.58
C ASP A 26 -13.80 12.15 -21.73
N ASP A 27 -14.38 12.12 -22.93
CA ASP A 27 -15.33 11.07 -23.27
C ASP A 27 -14.53 9.79 -23.39
N ASP A 28 -15.18 8.67 -23.11
CA ASP A 28 -14.49 7.38 -22.99
C ASP A 28 -13.27 7.49 -22.07
N PRO A 29 -13.49 7.94 -20.82
CA PRO A 29 -12.34 8.21 -19.96
C PRO A 29 -11.69 6.96 -19.40
N ALA A 30 -10.36 6.97 -19.33
CA ALA A 30 -9.62 5.99 -18.57
C ALA A 30 -9.81 6.25 -17.08
N SER A 31 -9.82 5.19 -16.29
CA SER A 31 -9.90 5.34 -14.85
C SER A 31 -8.61 4.74 -14.27
N LEU A 32 -8.04 5.39 -13.28
CA LEU A 32 -6.77 4.92 -12.74
C LEU A 32 -6.54 5.42 -11.33
N THR A 33 -5.61 4.76 -10.66
CA THR A 33 -5.28 5.15 -9.30
C THR A 33 -3.81 5.49 -9.21
N ILE A 34 -3.50 6.58 -8.50
CA ILE A 34 -2.15 7.07 -8.33
C ILE A 34 -1.78 7.08 -6.87
N TRP A 35 -0.65 6.49 -6.50
CA TRP A 35 -0.18 6.61 -5.12
C TRP A 35 1.09 7.46 -5.17
N VAL A 36 1.25 8.33 -4.18
CA VAL A 36 2.30 9.34 -4.14
C VAL A 36 3.44 8.79 -3.32
N PRO A 37 4.70 9.01 -3.75
CA PRO A 37 5.82 8.57 -2.90
C PRO A 37 5.65 9.10 -1.48
N MET A 38 5.94 8.25 -0.52
CA MET A 38 5.76 8.66 0.88
C MET A 38 6.59 9.88 1.23
N PHE A 39 6.04 10.73 2.08
CA PHE A 39 6.72 11.94 2.49
C PHE A 39 6.28 12.26 3.91
N GLN A 40 7.15 12.95 4.64
CA GLN A 40 6.80 13.28 6.02
C GLN A 40 6.08 14.62 6.11
N SER A 41 5.11 14.68 7.02
CA SER A 41 4.42 15.91 7.33
C SER A 41 4.17 16.05 8.81
N SER A 42 3.95 17.29 9.26
CA SER A 42 3.55 17.55 10.62
C SER A 42 2.23 18.27 10.74
N MET A 43 1.54 18.46 9.62
CA MET A 43 0.20 19.06 9.69
C MET A 43 -0.78 17.97 10.10
N PRO A 44 -1.63 18.24 11.10
CA PRO A 44 -2.59 17.19 11.49
C PRO A 44 -3.37 16.67 10.29
N ALA A 45 -3.55 15.36 10.25
CA ALA A 45 -4.10 14.68 9.07
C ALA A 45 -5.49 15.19 8.66
N ASP A 46 -6.32 15.52 9.62
CA ASP A 46 -7.65 16.01 9.27
C ASP A 46 -7.61 17.39 8.63
N LEU A 47 -6.47 18.08 8.73
CA LEU A 47 -6.28 19.33 8.01
C LEU A 47 -5.52 19.08 6.71
N LEU A 48 -4.54 18.19 6.74
CA LEU A 48 -3.77 17.92 5.52
C LEU A 48 -4.65 17.37 4.43
N ILE A 49 -5.66 16.56 4.80
CA ILE A 49 -6.51 15.93 3.77
C ILE A 49 -7.23 17.03 2.97
N LYS A 50 -7.58 18.13 3.59
CA LYS A 50 -8.24 19.22 2.86
C LYS A 50 -7.29 19.80 1.82
N GLU A 51 -6.00 19.91 2.15
CA GLU A 51 -5.06 20.41 1.14
C GLU A 51 -4.84 19.40 -0.01
N LEU A 52 -4.68 18.13 0.37
CA LEU A 52 -4.49 17.06 -0.61
C LEU A 52 -5.64 16.99 -1.61
N ALA A 53 -6.84 17.26 -1.12
CA ALA A 53 -8.02 17.15 -1.97
C ALA A 53 -8.06 18.26 -3.01
N ASN A 54 -7.28 19.33 -2.83
CA ASN A 54 -7.42 20.49 -3.69
C ASN A 54 -6.36 20.55 -4.80
N VAL A 55 -5.54 19.52 -4.92
CA VAL A 55 -4.50 19.52 -5.96
C VAL A 55 -5.11 19.25 -7.34
N ASN A 56 -4.34 19.51 -8.39
CA ASN A 56 -4.73 19.13 -9.76
C ASN A 56 -3.73 18.10 -10.26
N ILE A 57 -4.21 17.06 -10.94
CA ILE A 57 -3.33 15.94 -11.34
C ILE A 57 -3.36 15.79 -12.87
N LEU A 58 -2.18 15.60 -13.47
CA LEU A 58 -2.08 15.25 -14.89
C LEU A 58 -1.19 14.01 -15.00
N VAL A 59 -1.44 13.17 -16.01
CA VAL A 59 -0.62 11.96 -16.17
C VAL A 59 -0.17 11.85 -17.61
N LYS A 60 0.93 11.14 -17.83
CA LYS A 60 1.39 10.89 -19.18
C LYS A 60 1.89 9.46 -19.25
N GLN A 61 1.35 8.66 -20.15
CA GLN A 61 1.81 7.28 -20.25
C GLN A 61 3.04 7.21 -21.14
N ILE A 62 4.09 6.53 -20.68
CA ILE A 62 5.38 6.52 -21.35
C ILE A 62 5.92 5.09 -21.39
N SER A 63 6.93 4.88 -22.22
CA SER A 63 7.57 3.57 -22.30
C SER A 63 8.92 3.64 -21.63
N THR A 64 9.19 2.65 -20.79
CA THR A 64 10.47 2.56 -20.06
C THR A 64 11.02 1.15 -20.19
N PRO A 65 12.29 0.92 -19.76
CA PRO A 65 12.80 -0.45 -19.80
C PRO A 65 11.89 -1.48 -19.12
N LYS A 66 11.19 -1.08 -18.08
CA LYS A 66 10.32 -2.00 -17.33
C LYS A 66 8.94 -2.20 -17.97
N GLY A 67 8.63 -1.46 -19.03
CA GLY A 67 7.33 -1.57 -19.66
C GLY A 67 6.61 -0.26 -19.58
N PRO A 68 5.28 -0.29 -19.67
CA PRO A 68 4.50 0.96 -19.65
C PRO A 68 4.45 1.63 -18.27
N SER A 69 4.69 2.93 -18.23
CA SER A 69 4.72 3.66 -16.95
C SER A 69 3.87 4.88 -17.06
N LEU A 70 3.42 5.41 -15.92
N LEU A 70 3.53 5.44 -15.90
CA LEU A 70 2.71 6.69 -15.91
CA LEU A 70 2.75 6.66 -15.83
C LEU A 70 3.54 7.74 -15.21
C LEU A 70 3.56 7.76 -15.17
N ARG A 71 3.85 8.81 -15.93
CA ARG A 71 4.44 10.01 -15.36
C ARG A 71 3.30 10.79 -14.75
N VAL A 72 3.44 11.14 -13.48
CA VAL A 72 2.43 11.91 -12.80
C VAL A 72 2.92 13.32 -12.48
N MET A 73 2.09 14.34 -12.71
N MET A 73 2.09 14.34 -12.70
N MET A 73 2.05 14.31 -12.70
CA MET A 73 2.45 15.69 -12.24
CA MET A 73 2.41 15.69 -12.24
CA MET A 73 2.31 15.67 -12.26
C MET A 73 1.31 16.26 -11.40
C MET A 73 1.28 16.23 -11.37
C MET A 73 1.23 16.08 -11.28
N ILE A 74 1.65 16.68 -10.17
CA ILE A 74 0.71 17.22 -9.20
C ILE A 74 0.98 18.71 -9.02
N ASN A 75 -0.01 19.55 -9.34
CA ASN A 75 0.12 20.98 -9.00
C ASN A 75 -1.13 21.48 -8.26
N SER A 76 -1.36 22.79 -8.25
CA SER A 76 -2.39 23.36 -7.40
C SER A 76 -2.12 22.88 -5.98
N ARG A 77 -0.83 22.83 -5.62
CA ARG A 77 -0.45 22.46 -4.26
C ARG A 77 -0.48 23.71 -3.34
N SER A 78 -0.96 23.57 -2.11
CA SER A 78 -0.89 24.70 -1.18
C SER A 78 0.47 24.65 -0.49
N ALA A 79 0.76 25.63 0.39
CA ALA A 79 2.12 25.80 0.89
C ALA A 79 2.63 24.54 1.57
N VAL A 80 1.78 23.87 2.34
CA VAL A 80 2.24 22.70 3.10
C VAL A 80 2.65 21.55 2.17
N LEU A 81 2.18 21.56 0.91
CA LEU A 81 2.41 20.45 0.00
C LEU A 81 3.70 20.63 -0.80
N ALA A 82 4.50 21.62 -0.39
CA ALA A 82 5.89 21.74 -0.85
C ALA A 82 6.59 20.44 -0.42
N GLN A 83 6.01 19.81 0.59
CA GLN A 83 6.48 18.60 1.25
C GLN A 83 6.29 17.37 0.37
N MET A 84 5.44 17.52 -0.64
CA MET A 84 4.94 16.36 -1.39
C MET A 84 5.56 16.27 -2.74
N PRO A 85 5.99 15.06 -3.13
CA PRO A 85 6.51 14.86 -4.48
C PRO A 85 5.52 15.37 -5.52
N SER A 86 5.97 16.15 -6.49
CA SER A 86 5.04 16.69 -7.48
C SER A 86 5.26 16.14 -8.89
N LYS A 87 6.36 15.40 -9.09
CA LYS A 87 6.63 14.74 -10.36
C LYS A 87 7.23 13.39 -10.04
N PHE A 88 6.62 12.32 -10.55
CA PHE A 88 7.12 10.98 -10.28
C PHE A 88 6.49 9.97 -11.22
N THR A 89 7.00 8.74 -11.20
CA THR A 89 6.55 7.70 -12.13
C THR A 89 6.06 6.48 -11.36
N ILE A 90 4.93 5.95 -11.79
CA ILE A 90 4.42 4.70 -11.27
C ILE A 90 4.13 3.70 -12.39
N CYS A 91 3.97 2.43 -12.00
N CYS A 91 4.00 2.43 -12.03
CA CYS A 91 3.67 1.32 -12.89
CA CYS A 91 3.76 1.39 -13.03
C CYS A 91 2.29 1.46 -13.54
C CYS A 91 2.35 1.47 -13.55
N ALA A 92 2.21 1.45 -14.86
CA ALA A 92 0.93 1.65 -15.52
C ALA A 92 0.00 0.45 -15.38
N ASN A 93 0.55 -0.76 -15.33
CA ASN A 93 -0.28 -1.96 -15.24
C ASN A 93 -1.05 -2.00 -13.91
N VAL A 94 -0.40 -1.57 -12.84
CA VAL A 94 -1.11 -1.51 -11.55
C VAL A 94 -2.08 -0.33 -11.54
N SER A 95 -1.58 0.83 -11.97
CA SER A 95 -2.33 2.08 -11.84
C SER A 95 -3.62 2.08 -12.67
N LEU A 96 -3.53 1.64 -13.91
CA LEU A 96 -4.68 1.70 -14.82
C LEU A 96 -5.68 0.58 -14.59
N ASP A 97 -6.96 0.95 -14.63
CA ASP A 97 -8.03 -0.01 -14.50
C ASP A 97 -8.11 -1.02 -15.66
N GLU A 98 -8.68 -2.18 -15.40
CA GLU A 98 -8.99 -3.15 -16.44
C GLU A 98 -9.95 -2.52 -17.46
N ARG A 99 -9.57 -2.61 -18.73
CA ARG A 99 -10.28 -2.03 -19.88
C ARG A 99 -10.06 -0.53 -20.01
N SER A 100 -9.23 0.05 -19.15
CA SER A 100 -8.91 1.48 -19.27
C SER A 100 -7.61 1.71 -20.02
N LYS A 101 -7.66 2.63 -20.98
CA LYS A 101 -6.54 2.87 -21.89
C LYS A 101 -6.23 4.37 -22.08
N LEU A 102 -4.94 4.68 -22.13
CA LEU A 102 -4.45 6.03 -22.37
C LEU A 102 -3.60 6.06 -23.64
N ALA A 103 -3.76 7.10 -24.45
CA ALA A 103 -2.82 7.34 -25.54
C ALA A 103 -1.44 7.62 -24.96
N TYR A 104 -0.40 7.24 -25.68
CA TYR A 104 0.97 7.42 -25.21
C TYR A 104 1.50 8.83 -25.43
N ASP A 105 2.33 9.27 -24.49
CA ASP A 105 3.04 10.55 -24.59
C ASP A 105 2.12 11.75 -24.78
N VAL A 106 0.92 11.67 -24.21
CA VAL A 106 0.03 12.83 -24.18
C VAL A 106 -0.29 13.22 -22.74
N THR A 107 0.09 14.42 -22.34
CA THR A 107 -0.15 14.87 -20.98
C THR A 107 -1.66 15.06 -20.84
N THR A 108 -2.24 14.40 -19.85
CA THR A 108 -3.69 14.23 -19.75
C THR A 108 -4.20 14.68 -18.39
N PRO A 109 -5.01 15.74 -18.37
CA PRO A 109 -5.64 16.13 -17.09
C PRO A 109 -6.61 15.06 -16.56
N CYS A 110 -6.65 14.91 -15.23
CA CYS A 110 -7.48 13.92 -14.56
C CYS A 110 -8.33 14.59 -13.49
N GLU A 111 -9.58 14.18 -13.37
CA GLU A 111 -10.42 14.67 -12.29
C GLU A 111 -10.31 13.69 -11.11
N ILE A 112 -10.15 14.23 -9.90
CA ILE A 112 -10.01 13.43 -8.71
C ILE A 112 -11.39 13.01 -8.19
N LYS A 113 -11.61 11.71 -8.11
CA LYS A 113 -12.84 11.18 -7.55
C LYS A 113 -12.71 10.96 -6.06
N ALA A 114 -11.53 10.55 -5.62
CA ALA A 114 -11.32 10.30 -4.19
C ALA A 114 -9.86 10.46 -3.81
N CYS A 115 -9.65 10.82 -2.55
CA CYS A 115 -8.32 10.96 -1.98
C CYS A 115 -8.23 10.29 -0.62
N SER A 116 -7.26 9.40 -0.47
CA SER A 116 -7.03 8.73 0.80
C SER A 116 -5.69 9.14 1.37
N LEU A 117 -5.69 9.46 2.66
CA LEU A 117 -4.45 9.74 3.40
C LEU A 117 -4.31 8.78 4.57
N THR A 118 -3.20 8.06 4.61
CA THR A 118 -2.93 7.16 5.73
C THR A 118 -1.67 7.68 6.42
N CYS A 119 -1.75 7.81 7.74
CA CYS A 119 -0.61 8.24 8.53
C CYS A 119 0.23 7.08 9.05
N LEU A 120 1.47 6.97 8.61
CA LEU A 120 2.31 5.88 9.05
C LEU A 120 3.41 6.43 9.93
N LYS A 121 4.15 5.56 10.58
CA LYS A 121 5.29 6.03 11.35
C LYS A 121 6.35 6.68 10.45
N SER A 122 7.28 7.40 11.06
N SER A 122 7.29 7.39 11.07
CA SER A 122 8.40 8.00 10.34
CA SER A 122 8.42 8.00 10.37
C SER A 122 9.20 6.94 9.58
C SER A 122 9.20 6.94 9.58
N LYS A 123 9.88 7.38 8.52
CA LYS A 123 10.51 6.46 7.59
C LYS A 123 11.50 5.55 8.30
N ASN A 124 12.17 6.06 9.33
CA ASN A 124 13.10 5.18 10.03
C ASN A 124 12.42 4.09 10.86
N MET A 125 11.09 4.12 10.94
CA MET A 125 10.37 3.06 11.67
C MET A 125 9.50 2.21 10.77
N LEU A 126 9.80 2.23 9.48
CA LEU A 126 9.10 1.45 8.49
C LEU A 126 10.02 0.34 7.99
N THR A 127 9.49 -0.88 7.91
CA THR A 127 10.26 -2.02 7.45
C THR A 127 9.56 -2.58 6.22
N THR A 128 10.35 -2.84 5.18
CA THR A 128 9.82 -3.43 3.96
C THR A 128 10.21 -4.90 3.83
N VAL A 129 9.52 -5.58 2.91
CA VAL A 129 9.86 -6.94 2.54
C VAL A 129 11.29 -7.04 2.04
N LYS A 130 11.69 -6.10 1.20
CA LYS A 130 13.07 -6.08 0.70
C LYS A 130 14.08 -5.96 1.84
N ASP A 131 13.81 -5.10 2.82
CA ASP A 131 14.66 -4.99 4.02
C ASP A 131 14.98 -6.35 4.62
N LEU A 132 13.98 -7.23 4.65
CA LEU A 132 14.14 -8.48 5.39
C LEU A 132 14.74 -9.58 4.54
N THR A 133 14.81 -9.39 3.22
CA THR A 133 15.41 -10.47 2.42
C THR A 133 16.90 -10.58 2.74
N MET A 134 17.46 -9.50 3.29
CA MET A 134 18.86 -9.45 3.67
C MET A 134 19.08 -9.91 5.11
N LYS A 135 18.06 -10.49 5.72
CA LYS A 135 18.12 -10.84 7.13
C LYS A 135 17.78 -12.30 7.39
N THR A 136 18.34 -13.21 6.59
CA THR A 136 18.19 -14.61 6.94
C THR A 136 19.30 -15.47 6.35
N LEU A 137 19.50 -16.62 6.97
CA LEU A 137 20.61 -17.49 6.61
C LEU A 137 20.06 -18.87 6.32
N ASN A 138 20.22 -19.35 5.08
CA ASN A 138 19.69 -20.66 4.67
C ASN A 138 18.31 -20.89 5.26
N PRO A 139 17.34 -20.07 4.86
CA PRO A 139 16.03 -20.22 5.48
C PRO A 139 15.40 -21.57 5.17
N THR A 140 14.43 -21.95 5.98
CA THR A 140 13.75 -23.24 5.84
C THR A 140 12.29 -23.04 5.49
N HIS A 141 11.74 -21.88 5.85
CA HIS A 141 10.31 -21.65 5.68
C HIS A 141 9.99 -20.26 5.12
N ASP A 142 8.92 -20.17 4.36
CA ASP A 142 8.36 -18.89 3.93
C ASP A 142 7.16 -18.50 4.79
N ILE A 143 7.03 -17.21 5.07
CA ILE A 143 5.88 -16.75 5.83
C ILE A 143 5.03 -15.94 4.89
N ILE A 144 3.75 -16.30 4.80
CA ILE A 144 2.81 -15.70 3.87
C ILE A 144 1.67 -15.09 4.68
N ALA A 145 1.24 -13.86 4.38
CA ALA A 145 0.02 -13.38 5.03
C ALA A 145 -1.16 -13.65 4.08
N LEU A 146 -2.25 -14.17 4.59
CA LEU A 146 -3.44 -14.50 3.82
C LEU A 146 -4.46 -13.39 4.07
N CYS A 147 -4.56 -12.46 3.12
CA CYS A 147 -5.42 -11.28 3.30
C CYS A 147 -6.80 -11.57 2.74
N GLU A 148 -7.80 -11.58 3.61
CA GLU A 148 -9.16 -12.00 3.23
C GLU A 148 -10.03 -10.77 3.00
N PHE A 149 -10.75 -10.75 1.88
CA PHE A 149 -11.71 -9.68 1.61
C PHE A 149 -13.07 -10.26 1.24
N GLU A 150 -14.11 -9.48 1.48
N GLU A 150 -14.12 -9.50 1.51
CA GLU A 150 -15.42 -9.77 0.93
CA GLU A 150 -15.43 -9.78 0.93
C GLU A 150 -15.80 -8.69 -0.07
C GLU A 150 -15.78 -8.68 -0.07
N ASN A 151 -16.15 -9.07 -1.29
CA ASN A 151 -16.62 -8.10 -2.26
C ASN A 151 -18.04 -7.74 -1.82
N ILE A 152 -18.28 -6.52 -1.38
CA ILE A 152 -19.59 -6.20 -0.78
C ILE A 152 -20.70 -6.09 -1.82
N VAL A 153 -20.35 -6.04 -3.10
CA VAL A 153 -21.40 -6.04 -4.12
C VAL A 153 -21.84 -7.46 -4.43
N THR A 154 -20.90 -8.36 -4.67
CA THR A 154 -21.20 -9.73 -5.09
C THR A 154 -21.27 -10.75 -3.93
N SER A 155 -20.75 -10.35 -2.76
CA SER A 155 -20.63 -11.20 -1.58
C SER A 155 -19.51 -12.23 -1.70
N LYS A 156 -18.80 -12.25 -2.83
CA LYS A 156 -17.69 -13.19 -3.01
C LYS A 156 -16.53 -12.88 -2.05
N LYS A 157 -15.93 -13.94 -1.51
CA LYS A 157 -14.71 -13.83 -0.70
C LYS A 157 -13.50 -13.86 -1.61
N VAL A 158 -12.49 -13.06 -1.26
CA VAL A 158 -11.24 -12.96 -1.99
C VAL A 158 -10.10 -13.10 -1.00
N ILE A 159 -9.16 -13.99 -1.31
CA ILE A 159 -7.91 -14.08 -0.53
C ILE A 159 -6.72 -13.67 -1.36
N ILE A 160 -5.97 -12.68 -0.88
CA ILE A 160 -4.71 -12.31 -1.52
C ILE A 160 -3.55 -12.81 -0.64
N PRO A 161 -2.74 -13.75 -1.15
CA PRO A 161 -1.65 -14.24 -0.32
C PRO A 161 -0.41 -13.40 -0.57
N THR A 162 0.18 -12.80 0.45
CA THR A 162 1.30 -11.93 0.18
C THR A 162 2.51 -12.44 0.93
N TYR A 163 3.61 -12.50 0.22
CA TYR A 163 4.87 -12.91 0.84
C TYR A 163 5.37 -11.92 1.87
N LEU A 164 5.76 -12.41 3.06
CA LEU A 164 6.36 -11.52 4.06
C LEU A 164 7.87 -11.68 4.15
N ARG A 165 8.33 -12.90 4.43
CA ARG A 165 9.75 -13.14 4.59
C ARG A 165 10.04 -14.62 4.64
N SER A 166 11.32 -14.98 4.57
CA SER A 166 11.74 -16.35 4.80
C SER A 166 12.53 -16.39 6.11
N ILE A 167 12.44 -17.49 6.84
CA ILE A 167 13.17 -17.64 8.10
C ILE A 167 13.69 -19.06 8.23
N SER A 168 14.63 -19.27 9.13
CA SER A 168 15.08 -20.60 9.47
C SER A 168 14.43 -21.05 10.78
N VAL A 169 13.91 -22.27 10.81
CA VAL A 169 13.22 -22.73 12.01
C VAL A 169 13.90 -23.97 12.57
N ARG A 170 14.19 -23.94 13.87
CA ARG A 170 14.78 -25.11 14.55
C ARG A 170 13.82 -26.28 14.53
N ASN A 171 14.35 -27.50 14.42
CA ASN A 171 13.44 -28.65 14.44
C ASN A 171 12.59 -28.71 15.69
N LYS A 172 13.20 -28.46 16.85
CA LYS A 172 12.46 -28.52 18.11
C LYS A 172 11.34 -27.48 18.19
N ASP A 173 11.44 -26.39 17.43
CA ASP A 173 10.41 -25.36 17.51
C ASP A 173 9.18 -25.74 16.72
N LEU A 174 9.24 -26.86 16.02
CA LEU A 174 8.14 -27.16 15.10
C LEU A 174 6.97 -27.82 15.79
N ASN A 175 7.21 -28.42 16.96
CA ASN A 175 6.22 -29.11 17.76
C ASN A 175 4.96 -28.25 18.01
N THR A 176 5.17 -26.97 18.32
CA THR A 176 4.03 -26.07 18.57
C THR A 176 4.14 -24.78 17.78
N LEU A 177 5.32 -24.52 17.24
CA LEU A 177 5.69 -23.24 16.61
C LEU A 177 5.62 -22.03 17.54
N GLU A 178 5.49 -22.25 18.83
CA GLU A 178 5.26 -21.09 19.72
C GLU A 178 6.45 -20.11 19.79
N ASN A 179 7.67 -20.56 19.52
CA ASN A 179 8.80 -19.65 19.54
C ASN A 179 8.97 -18.87 18.24
N ILE A 180 8.17 -19.23 17.25
CA ILE A 180 8.19 -18.58 15.96
C ILE A 180 6.93 -17.74 15.80
N THR A 181 5.78 -18.41 15.82
CA THR A 181 4.52 -17.70 15.77
C THR A 181 4.12 -17.42 17.19
N THR A 182 4.85 -16.47 17.77
CA THR A 182 4.69 -16.05 19.15
C THR A 182 3.29 -15.45 19.34
N THR A 183 2.89 -15.28 20.58
CA THR A 183 1.67 -14.55 20.84
C THR A 183 1.68 -13.17 20.20
N GLU A 184 2.82 -12.50 20.27
CA GLU A 184 2.97 -11.17 19.67
C GLU A 184 2.74 -11.20 18.16
N PHE A 185 3.34 -12.18 17.51
CA PHE A 185 3.19 -12.30 16.08
C PHE A 185 1.76 -12.60 15.67
N LYS A 186 1.15 -13.56 16.34
CA LYS A 186 -0.21 -13.94 16.04
C LYS A 186 -1.16 -12.76 16.15
N ASN A 187 -1.08 -12.01 17.24
CA ASN A 187 -1.94 -10.85 17.43
C ASN A 187 -1.66 -9.78 16.38
N ALA A 188 -0.40 -9.59 16.02
CA ALA A 188 -0.10 -8.57 15.01
C ALA A 188 -0.71 -8.93 13.65
N ILE A 189 -0.71 -10.22 13.29
CA ILE A 189 -1.38 -10.61 12.04
C ILE A 189 -2.89 -10.43 12.13
N THR A 190 -3.48 -10.94 13.20
CA THR A 190 -4.92 -10.78 13.41
C THR A 190 -5.36 -9.34 13.30
N ASN A 191 -4.55 -8.45 13.85
CA ASN A 191 -4.96 -7.06 13.91
C ASN A 191 -4.35 -6.21 12.81
N ALA A 192 -3.78 -6.85 11.79
CA ALA A 192 -3.13 -6.06 10.75
C ALA A 192 -4.14 -5.23 9.98
N LYS A 193 -3.68 -4.13 9.40
CA LYS A 193 -4.54 -3.23 8.66
C LYS A 193 -4.20 -3.26 7.18
N ILE A 194 -5.19 -3.09 6.31
CA ILE A 194 -4.88 -2.95 4.89
C ILE A 194 -5.47 -1.63 4.44
N ILE A 195 -4.65 -0.80 3.82
CA ILE A 195 -5.08 0.56 3.57
C ILE A 195 -4.84 0.92 2.09
N PRO A 196 -5.44 2.03 1.63
CA PRO A 196 -5.33 2.36 0.20
C PRO A 196 -4.05 3.12 -0.11
N TYR A 197 -3.03 2.34 -0.47
CA TYR A 197 -1.75 2.86 -0.89
C TYR A 197 -1.09 1.74 -1.68
N SER A 198 -0.28 2.11 -2.67
CA SER A 198 0.34 1.14 -3.56
C SER A 198 -0.71 0.17 -4.11
N GLY A 199 -1.89 0.68 -4.48
CA GLY A 199 -3.05 -0.16 -4.71
C GLY A 199 -3.65 -0.49 -3.35
N LEU A 200 -3.14 -1.54 -2.74
CA LEU A 200 -3.43 -1.80 -1.32
C LEU A 200 -2.14 -2.08 -0.62
N LEU A 201 -2.09 -1.69 0.65
CA LEU A 201 -0.90 -1.89 1.45
C LEU A 201 -1.27 -2.56 2.75
N LEU A 202 -0.59 -3.68 3.03
CA LEU A 202 -0.77 -4.38 4.31
C LEU A 202 0.17 -3.77 5.33
N VAL A 203 -0.33 -3.44 6.53
CA VAL A 203 0.51 -2.81 7.55
C VAL A 203 0.45 -3.64 8.82
N ILE A 204 1.60 -4.23 9.16
CA ILE A 204 1.70 -5.08 10.34
C ILE A 204 2.51 -4.36 11.41
N THR A 205 1.96 -4.24 12.60
CA THR A 205 2.69 -3.55 13.64
C THR A 205 3.57 -4.54 14.40
N VAL A 206 4.88 -4.31 14.36
CA VAL A 206 5.84 -5.27 14.89
C VAL A 206 6.11 -4.96 16.35
N THR A 207 5.50 -5.72 17.25
CA THR A 207 5.52 -5.33 18.64
C THR A 207 6.73 -5.84 19.40
N ASP A 208 7.48 -6.79 18.83
CA ASP A 208 8.83 -7.10 19.35
C ASP A 208 9.64 -7.87 18.30
N ASN A 209 10.81 -8.35 18.67
CA ASN A 209 11.73 -8.89 17.66
C ASN A 209 12.05 -10.36 17.85
N LYS A 210 11.06 -11.12 18.31
CA LYS A 210 11.32 -12.53 18.59
C LYS A 210 10.66 -13.36 17.49
N GLY A 211 11.20 -14.55 17.23
CA GLY A 211 10.58 -15.50 16.34
C GLY A 211 10.38 -15.04 14.91
N ALA A 212 9.14 -15.06 14.44
CA ALA A 212 8.85 -14.62 13.09
C ALA A 212 9.19 -13.13 12.87
N PHE A 213 9.41 -12.40 13.97
CA PHE A 213 9.74 -10.99 13.89
C PHE A 213 11.24 -10.75 14.13
N LYS A 214 12.05 -11.81 14.11
CA LYS A 214 13.48 -11.66 14.37
C LYS A 214 14.20 -10.72 13.37
N TYR A 215 15.11 -9.88 13.88
CA TYR A 215 15.87 -8.90 13.07
C TYR A 215 15.04 -7.72 12.54
N ILE A 216 13.81 -7.58 13.04
CA ILE A 216 13.02 -6.38 12.79
C ILE A 216 13.14 -5.41 13.97
N LYS A 217 13.28 -4.13 13.68
CA LYS A 217 13.24 -3.10 14.70
C LYS A 217 11.89 -3.12 15.43
N PRO A 218 11.90 -3.30 16.77
CA PRO A 218 10.67 -3.27 17.57
C PRO A 218 9.89 -1.97 17.42
N GLN A 219 8.56 -2.11 17.33
CA GLN A 219 7.57 -1.04 17.13
C GLN A 219 7.65 -0.46 15.70
N SER A 220 8.32 -1.15 14.80
CA SER A 220 8.23 -0.80 13.38
C SER A 220 6.86 -1.13 12.78
N GLN A 221 6.53 -0.46 11.70
CA GLN A 221 5.42 -0.90 10.86
C GLN A 221 6.00 -1.62 9.67
N PHE A 222 5.61 -2.88 9.52
CA PHE A 222 6.10 -3.75 8.45
C PHE A 222 5.08 -3.60 7.34
N ILE A 223 5.47 -2.99 6.24
CA ILE A 223 4.51 -2.67 5.20
C ILE A 223 4.75 -3.53 3.97
N VAL A 224 3.65 -4.00 3.38
CA VAL A 224 3.72 -5.03 2.34
C VAL A 224 2.82 -4.65 1.19
N ASP A 225 3.36 -4.68 -0.02
CA ASP A 225 2.57 -4.36 -1.22
C ASP A 225 1.57 -5.42 -1.60
N LEU A 226 0.34 -5.02 -1.90
CA LEU A 226 -0.62 -5.91 -2.53
C LEU A 226 -0.91 -5.49 -3.96
N GLY A 227 -0.41 -4.33 -4.39
CA GLY A 227 -0.81 -3.83 -5.69
C GLY A 227 -0.44 -4.75 -6.84
N ALA A 228 0.63 -5.54 -6.69
CA ALA A 228 1.02 -6.49 -7.75
C ALA A 228 -0.12 -7.48 -8.01
N TYR A 229 -0.97 -7.68 -7.01
CA TYR A 229 -2.09 -8.62 -7.14
C TYR A 229 -3.35 -7.97 -7.68
N LEU A 230 -3.27 -6.67 -7.95
CA LEU A 230 -4.42 -5.90 -8.37
C LEU A 230 -4.25 -5.40 -9.81
N GLU A 231 -3.25 -5.93 -10.53
CA GLU A 231 -3.04 -5.47 -11.89
C GLU A 231 -4.27 -5.58 -12.76
N LYS A 232 -4.99 -6.69 -12.62
CA LYS A 232 -6.16 -6.97 -13.44
C LYS A 232 -7.46 -6.49 -12.79
N GLU A 233 -7.33 -5.71 -11.73
CA GLU A 233 -8.49 -5.14 -11.05
C GLU A 233 -8.53 -3.65 -11.29
N SER A 234 -9.65 -3.02 -10.91
CA SER A 234 -9.73 -1.55 -10.77
C SER A 234 -9.47 -1.15 -9.32
N ILE A 235 -8.40 -0.39 -9.05
CA ILE A 235 -8.05 -0.12 -7.67
C ILE A 235 -9.15 0.66 -6.96
N TYR A 236 -9.78 1.63 -7.67
CA TYR A 236 -10.87 2.38 -7.04
C TYR A 236 -12.01 1.43 -6.67
N TYR A 237 -12.32 0.49 -7.57
CA TYR A 237 -13.37 -0.50 -7.30
C TYR A 237 -13.02 -1.33 -6.07
N VAL A 238 -11.73 -1.68 -5.96
CA VAL A 238 -11.24 -2.52 -4.87
C VAL A 238 -11.29 -1.76 -3.56
N THR A 239 -10.81 -0.51 -3.53
CA THR A 239 -10.83 0.19 -2.25
C THR A 239 -12.23 0.66 -1.87
N THR A 240 -13.19 0.66 -2.82
CA THR A 240 -14.58 0.93 -2.48
C THR A 240 -15.31 -0.34 -2.05
N ASN A 241 -14.99 -1.45 -2.70
CA ASN A 241 -15.87 -2.62 -2.59
C ASN A 241 -15.28 -3.87 -1.97
N TRP A 242 -13.96 -3.90 -1.74
CA TRP A 242 -13.38 -5.05 -1.05
C TRP A 242 -13.22 -4.74 0.43
N LYS A 243 -14.07 -5.34 1.25
CA LYS A 243 -13.99 -5.13 2.68
C LYS A 243 -12.99 -6.11 3.26
N HIS A 244 -12.00 -5.59 3.97
CA HIS A 244 -10.99 -6.43 4.61
C HIS A 244 -11.66 -7.10 5.79
N THR A 245 -11.73 -8.43 5.79
CA THR A 245 -12.47 -9.12 6.84
C THR A 245 -11.59 -9.91 7.80
N ALA A 246 -10.38 -10.30 7.38
CA ALA A 246 -9.48 -11.06 8.25
C ALA A 246 -8.08 -11.05 7.67
N THR A 247 -7.11 -11.32 8.53
CA THR A 247 -5.77 -11.62 8.04
C THR A 247 -5.29 -12.88 8.73
N ARG A 248 -4.89 -13.89 7.95
CA ARG A 248 -4.34 -15.12 8.53
C ARG A 248 -2.91 -15.27 8.07
N PHE A 249 -2.23 -16.34 8.47
CA PHE A 249 -0.88 -16.55 7.94
C PHE A 249 -0.64 -18.04 7.66
N ALA A 250 0.41 -18.31 6.89
CA ALA A 250 0.88 -19.68 6.69
C ALA A 250 2.40 -19.66 6.75
N ILE A 251 2.97 -20.65 7.44
CA ILE A 251 4.42 -20.83 7.48
C ILE A 251 4.67 -22.08 6.67
N LYS A 252 5.26 -21.92 5.47
CA LYS A 252 5.38 -23.00 4.49
C LYS A 252 6.83 -23.46 4.37
N PRO A 253 7.08 -24.77 4.42
CA PRO A 253 8.46 -25.19 4.10
C PRO A 253 8.82 -24.64 2.74
N MET A 254 10.06 -24.22 2.55
CA MET A 254 10.42 -23.66 1.25
C MET A 254 10.60 -24.72 0.19
N GLU A 255 10.52 -24.29 -1.07
CA GLU A 255 10.64 -25.21 -2.19
C GLU A 255 12.06 -25.18 -2.74
K K B . -5.06 -2.17 -12.19
#